data_1KUI
#
_entry.id   1KUI
#
_cell.length_a   61.082
_cell.length_b   61.082
_cell.length_c   127.593
_cell.angle_alpha   90.00
_cell.angle_beta   90.00
_cell.angle_gamma   90.00
#
_symmetry.space_group_name_H-M   'P 41 21 2'
#
loop_
_entity.id
_entity.type
_entity.pdbx_description
1 polymer metalloproteinase
2 polymer EQW
3 non-polymer 'CADMIUM ION'
4 water water
#
loop_
_entity_poly.entity_id
_entity_poly.type
_entity_poly.pdbx_seq_one_letter_code
_entity_poly.pdbx_strand_id
1 'polypeptide(L)'
;EQQRFPQRYIELAIVVDHGMYTKYSSNFKKIRKRVHQMVSNINEMCRPLNIAITLALLDVWSEKDFITVQADAPTTAGLF
GDWRERVLLKKKNHDHAQLLTDTNFARNTIGWAYVGRMCDEKYSVAVVKDHSSKVFMVAVTMTHELGHNLGMEHDDKDKC
KCDTCIMSAVISDKQSKLFSDCSKDYYQTFLTNDNPQCILNAP
;
A
2 'polypeptide(L)' (PCA)QW B
#
# COMPACT_ATOMS: atom_id res chain seq x y z
N GLN A 3 13.76 -10.23 -17.66
CA GLN A 3 13.27 -9.90 -16.29
C GLN A 3 13.19 -11.18 -15.47
N ARG A 4 13.32 -11.06 -14.16
CA ARG A 4 13.20 -12.24 -13.34
C ARG A 4 11.74 -12.65 -13.26
N PHE A 5 10.83 -11.66 -13.36
CA PHE A 5 9.41 -11.94 -13.25
C PHE A 5 8.59 -11.58 -14.47
N PRO A 6 7.47 -12.26 -14.66
CA PRO A 6 6.59 -11.97 -15.81
C PRO A 6 5.87 -10.66 -15.49
N GLN A 7 5.42 -9.99 -16.53
CA GLN A 7 4.69 -8.74 -16.40
C GLN A 7 3.39 -8.89 -15.61
N ARG A 8 3.19 -7.98 -14.65
CA ARG A 8 1.96 -7.90 -13.87
C ARG A 8 1.59 -6.42 -13.77
N TYR A 9 0.35 -6.17 -13.37
CA TYR A 9 -0.18 -4.80 -13.30
C TYR A 9 -1.00 -4.64 -12.04
N ILE A 10 -0.77 -3.58 -11.29
CA ILE A 10 -1.62 -3.33 -10.12
C ILE A 10 -2.26 -1.96 -10.27
N GLU A 11 -3.59 -1.97 -10.36
CA GLU A 11 -4.35 -0.72 -10.47
C GLU A 11 -4.76 -0.30 -9.08
N LEU A 12 -4.19 0.78 -8.57
CA LEU A 12 -4.49 1.22 -7.22
C LEU A 12 -5.62 2.22 -7.07
N ALA A 13 -6.35 2.09 -5.96
CA ALA A 13 -7.29 3.14 -5.56
C ALA A 13 -6.62 3.68 -4.28
N ILE A 14 -6.54 4.99 -4.18
CA ILE A 14 -6.01 5.64 -2.98
C ILE A 14 -7.09 6.53 -2.42
N VAL A 15 -7.37 6.34 -1.13
CA VAL A 15 -8.38 7.12 -0.43
C VAL A 15 -7.66 8.00 0.62
N VAL A 16 -7.90 9.32 0.61
CA VAL A 16 -7.31 10.26 1.58
C VAL A 16 -8.45 10.63 2.53
N ASP A 17 -8.29 10.30 3.81
CA ASP A 17 -9.37 10.55 4.76
C ASP A 17 -9.49 12.02 5.15
N HIS A 18 -10.52 12.31 5.94
CA HIS A 18 -10.78 13.69 6.30
C HIS A 18 -9.72 14.36 7.14
N GLY A 19 -9.11 13.60 8.05
CA GLY A 19 -8.04 14.16 8.86
C GLY A 19 -6.86 14.57 7.97
N MET A 20 -6.51 13.73 7.01
CA MET A 20 -5.39 14.05 6.13
C MET A 20 -5.76 15.25 5.24
N TYR A 21 -7.02 15.28 4.80
CA TYR A 21 -7.50 16.40 3.98
C TYR A 21 -7.32 17.71 4.76
N THR A 22 -7.67 17.69 6.04
CA THR A 22 -7.54 18.87 6.90
C THR A 22 -6.09 19.24 7.12
N LYS A 23 -5.25 18.23 7.35
CA LYS A 23 -3.83 18.39 7.55
C LYS A 23 -3.21 19.20 6.42
N TYR A 24 -3.62 18.90 5.19
CA TYR A 24 -3.07 19.61 4.04
C TYR A 24 -3.87 20.84 3.64
N SER A 25 -4.42 21.52 4.64
CA SER A 25 -5.18 22.77 4.42
C SER A 25 -6.41 22.67 3.54
N SER A 26 -7.03 21.48 3.51
CA SER A 26 -8.22 21.25 2.72
C SER A 26 -7.98 21.63 1.25
N ASN A 27 -6.74 21.44 0.81
CA ASN A 27 -6.27 21.79 -0.55
C ASN A 27 -6.22 20.54 -1.44
N PHE A 28 -7.30 20.29 -2.18
CA PHE A 28 -7.37 19.13 -3.07
C PHE A 28 -6.19 19.04 -4.05
N LYS A 29 -5.81 20.15 -4.67
CA LYS A 29 -4.71 20.05 -5.60
C LYS A 29 -3.39 19.63 -4.95
N LYS A 30 -3.13 20.14 -3.74
CA LYS A 30 -1.89 19.81 -3.01
C LYS A 30 -1.90 18.32 -2.69
N ILE A 31 -3.04 17.84 -2.23
CA ILE A 31 -3.21 16.42 -1.90
C ILE A 31 -3.03 15.54 -3.15
N ARG A 32 -3.68 15.89 -4.26
CA ARG A 32 -3.51 15.10 -5.47
C ARG A 32 -2.05 15.02 -5.89
N LYS A 33 -1.32 16.14 -5.81
CA LYS A 33 0.08 16.15 -6.18
C LYS A 33 0.85 15.20 -5.29
N ARG A 34 0.59 15.26 -3.98
CA ARG A 34 1.30 14.38 -3.05
C ARG A 34 1.01 12.89 -3.33
N VAL A 35 -0.26 12.56 -3.57
CA VAL A 35 -0.63 11.17 -3.88
C VAL A 35 0.03 10.72 -5.17
N HIS A 36 0.06 11.59 -6.18
CA HIS A 36 0.75 11.18 -7.39
C HIS A 36 2.24 10.93 -7.13
N GLN A 37 2.87 11.78 -6.32
CA GLN A 37 4.29 11.56 -6.06
C GLN A 37 4.50 10.24 -5.32
N MET A 38 3.55 9.89 -4.46
CA MET A 38 3.65 8.60 -3.76
C MET A 38 3.54 7.46 -4.77
N VAL A 39 2.55 7.52 -5.64
CA VAL A 39 2.39 6.46 -6.65
C VAL A 39 3.63 6.35 -7.54
N SER A 40 4.20 7.47 -7.95
CA SER A 40 5.39 7.38 -8.78
C SER A 40 6.52 6.62 -8.04
N ASN A 41 6.60 6.76 -6.71
CA ASN A 41 7.62 6.06 -5.94
C ASN A 41 7.26 4.59 -5.83
N ILE A 42 6.00 4.28 -5.59
CA ILE A 42 5.60 2.87 -5.55
C ILE A 42 5.90 2.21 -6.89
N ASN A 43 5.60 2.89 -7.99
CA ASN A 43 5.88 2.34 -9.30
C ASN A 43 7.38 2.10 -9.46
N GLU A 44 8.23 3.06 -9.03
CA GLU A 44 9.66 2.85 -9.15
C GLU A 44 10.16 1.66 -8.33
N MET A 45 9.61 1.53 -7.13
CA MET A 45 10.02 0.44 -6.25
C MET A 45 9.59 -0.92 -6.80
N CYS A 46 8.48 -0.97 -7.55
CA CYS A 46 8.07 -2.25 -8.11
C CYS A 46 8.67 -2.53 -9.47
N ARG A 47 9.45 -1.61 -10.00
CA ARG A 47 10.03 -1.78 -11.33
C ARG A 47 10.86 -3.06 -11.39
N PRO A 48 11.69 -3.32 -10.37
CA PRO A 48 12.46 -4.56 -10.46
C PRO A 48 11.63 -5.84 -10.30
N LEU A 49 10.34 -5.73 -9.94
CA LEU A 49 9.46 -6.92 -9.84
C LEU A 49 8.63 -7.06 -11.12
N ASN A 50 8.84 -6.14 -12.05
CA ASN A 50 8.14 -6.09 -13.33
C ASN A 50 6.63 -5.90 -13.13
N ILE A 51 6.27 -5.06 -12.16
CA ILE A 51 4.86 -4.76 -11.91
C ILE A 51 4.64 -3.29 -12.24
N ALA A 52 3.72 -3.01 -13.17
CA ALA A 52 3.39 -1.63 -13.54
C ALA A 52 2.29 -1.18 -12.59
N ILE A 53 2.54 -0.07 -11.89
CA ILE A 53 1.61 0.46 -10.89
C ILE A 53 0.93 1.70 -11.43
N THR A 54 -0.40 1.66 -11.46
CA THR A 54 -1.17 2.83 -11.88
C THR A 54 -2.13 3.25 -10.81
N LEU A 55 -2.54 4.52 -10.87
CA LEU A 55 -3.52 5.08 -9.96
C LEU A 55 -4.83 5.10 -10.74
N ALA A 56 -5.69 4.13 -10.46
CA ALA A 56 -6.98 4.03 -11.11
C ALA A 56 -7.99 5.00 -10.53
N LEU A 57 -7.84 5.31 -9.25
CA LEU A 57 -8.83 6.11 -8.59
C LEU A 57 -8.30 6.82 -7.37
N LEU A 58 -8.66 8.09 -7.24
CA LEU A 58 -8.28 8.88 -6.08
C LEU A 58 -9.57 9.40 -5.48
N ASP A 59 -9.79 9.09 -4.22
CA ASP A 59 -10.98 9.55 -3.53
C ASP A 59 -10.52 10.33 -2.29
N VAL A 60 -10.91 11.59 -2.22
CA VAL A 60 -10.53 12.44 -1.08
C VAL A 60 -11.80 12.72 -0.28
N TRP A 61 -11.80 12.33 0.99
CA TRP A 61 -12.96 12.52 1.86
C TRP A 61 -12.93 13.96 2.38
N SER A 62 -13.34 14.88 1.51
CA SER A 62 -13.33 16.32 1.81
C SER A 62 -14.41 16.87 2.74
N GLU A 63 -15.38 16.03 3.09
CA GLU A 63 -16.45 16.43 4.00
C GLU A 63 -16.44 15.71 5.34
N LYS A 64 -16.39 14.38 5.31
CA LYS A 64 -16.40 13.57 6.53
C LYS A 64 -15.88 12.16 6.25
N ASP A 65 -15.46 11.47 7.31
CA ASP A 65 -15.00 10.11 7.15
C ASP A 65 -16.17 9.17 6.99
N PHE A 66 -16.05 8.26 6.03
CA PHE A 66 -17.09 7.29 5.73
C PHE A 66 -16.98 6.00 6.52
N ILE A 67 -15.90 5.86 7.29
CA ILE A 67 -15.74 4.72 8.19
C ILE A 67 -15.11 5.33 9.43
N THR A 68 -15.08 4.59 10.53
CA THR A 68 -14.44 5.11 11.73
C THR A 68 -12.95 4.79 11.67
N VAL A 69 -12.13 5.79 11.32
CA VAL A 69 -10.66 5.64 11.24
C VAL A 69 -10.12 5.77 12.64
N GLN A 70 -10.06 4.61 13.29
CA GLN A 70 -9.66 4.52 14.68
C GLN A 70 -8.23 4.10 14.97
N ALA A 71 -7.87 4.11 16.23
CA ALA A 71 -6.49 3.81 16.59
C ALA A 71 -5.97 2.45 16.21
N ASP A 72 -6.78 1.40 16.31
CA ASP A 72 -6.31 0.06 15.96
C ASP A 72 -6.26 -0.05 14.45
N ALA A 73 -5.06 -0.18 13.90
CA ALA A 73 -4.95 -0.24 12.44
C ALA A 73 -5.65 -1.46 11.83
N PRO A 74 -5.47 -2.67 12.42
CA PRO A 74 -6.16 -3.83 11.85
C PRO A 74 -7.67 -3.64 11.79
N THR A 75 -8.24 -3.05 12.85
CA THR A 75 -9.69 -2.83 12.84
C THR A 75 -10.08 -1.84 11.74
N THR A 76 -9.33 -0.76 11.62
CA THR A 76 -9.58 0.22 10.57
C THR A 76 -9.46 -0.41 9.19
N ALA A 77 -8.48 -1.31 9.03
CA ALA A 77 -8.29 -1.96 7.74
C ALA A 77 -9.51 -2.82 7.42
N GLY A 78 -10.09 -3.48 8.41
CA GLY A 78 -11.28 -4.29 8.14
C GLY A 78 -12.46 -3.43 7.72
N LEU A 79 -12.65 -2.29 8.38
CA LEU A 79 -13.74 -1.40 8.02
C LEU A 79 -13.52 -0.80 6.64
N PHE A 80 -12.25 -0.51 6.36
CA PHE A 80 -11.91 0.07 5.07
C PHE A 80 -12.16 -0.97 3.99
N GLY A 81 -11.78 -2.22 4.23
CA GLY A 81 -12.01 -3.26 3.24
C GLY A 81 -13.49 -3.42 2.95
N ASP A 82 -14.31 -3.31 3.99
CA ASP A 82 -15.75 -3.44 3.79
C ASP A 82 -16.27 -2.34 2.90
N TRP A 83 -15.86 -1.11 3.20
CA TRP A 83 -16.31 0.05 2.44
C TRP A 83 -15.76 0.01 1.00
N ARG A 84 -14.55 -0.51 0.86
CA ARG A 84 -13.93 -0.62 -0.46
C ARG A 84 -14.73 -1.60 -1.33
N GLU A 85 -15.15 -2.72 -0.75
CA GLU A 85 -15.92 -3.70 -1.48
C GLU A 85 -17.34 -3.19 -1.80
N ARG A 86 -17.97 -2.54 -0.83
CA ARG A 86 -19.34 -2.05 -1.00
C ARG A 86 -19.51 -0.75 -1.75
N VAL A 87 -18.49 0.09 -1.67
CA VAL A 87 -18.58 1.38 -2.32
C VAL A 87 -17.52 1.67 -3.39
N LEU A 88 -16.26 1.62 -3.02
CA LEU A 88 -15.22 1.98 -3.97
C LEU A 88 -15.15 1.14 -5.25
N LEU A 89 -15.24 -0.18 -5.12
CA LEU A 89 -15.23 -1.06 -6.27
C LEU A 89 -16.42 -0.84 -7.21
N LYS A 90 -17.51 -0.28 -6.69
CA LYS A 90 -18.68 -0.02 -7.51
C LYS A 90 -18.48 1.26 -8.31
N LYS A 91 -17.55 2.12 -7.85
CA LYS A 91 -17.31 3.36 -8.58
C LYS A 91 -16.38 3.12 -9.77
N LYS A 92 -15.32 2.35 -9.55
CA LYS A 92 -14.37 2.03 -10.63
C LYS A 92 -13.58 0.80 -10.22
N ASN A 93 -13.42 -0.16 -11.13
CA ASN A 93 -12.67 -1.34 -10.79
C ASN A 93 -11.21 -1.03 -10.58
N HIS A 94 -10.62 -1.72 -9.63
CA HIS A 94 -9.21 -1.59 -9.28
C HIS A 94 -8.83 -2.84 -8.53
N ASP A 95 -7.52 -3.04 -8.38
CA ASP A 95 -6.96 -4.25 -7.78
C ASP A 95 -6.65 -4.21 -6.32
N HIS A 96 -6.34 -3.02 -5.80
CA HIS A 96 -5.89 -2.88 -4.42
C HIS A 96 -6.16 -1.47 -4.01
N ALA A 97 -6.58 -1.28 -2.77
CA ALA A 97 -6.85 0.08 -2.28
C ALA A 97 -6.12 0.37 -0.98
N GLN A 98 -5.61 1.61 -0.87
CA GLN A 98 -4.95 2.03 0.38
C GLN A 98 -5.59 3.28 0.93
N LEU A 99 -5.78 3.29 2.24
CA LEU A 99 -6.32 4.44 2.95
C LEU A 99 -5.14 5.21 3.58
N LEU A 100 -5.01 6.49 3.23
CA LEU A 100 -3.99 7.35 3.82
C LEU A 100 -4.64 8.20 4.88
N THR A 101 -4.01 8.28 6.05
CA THR A 101 -4.60 9.01 7.16
C THR A 101 -3.56 9.66 8.04
N ASP A 102 -3.98 10.62 8.87
CA ASP A 102 -3.04 11.23 9.80
C ASP A 102 -3.27 10.65 11.21
N THR A 103 -4.14 9.64 11.30
CA THR A 103 -4.48 9.02 12.59
C THR A 103 -3.22 8.50 13.28
N ASN A 104 -3.11 8.78 14.58
CA ASN A 104 -1.99 8.27 15.36
C ASN A 104 -2.37 6.83 15.79
N PHE A 105 -2.17 5.87 14.89
CA PHE A 105 -2.48 4.48 15.16
C PHE A 105 -1.80 3.94 16.42
N ALA A 106 -2.52 3.05 17.08
CA ALA A 106 -2.01 2.38 18.30
C ALA A 106 -0.73 1.58 18.00
N ARG A 107 0.01 1.34 19.07
CA ARG A 107 1.23 0.57 19.04
C ARG A 107 2.25 1.12 18.09
N ASN A 108 2.29 2.45 17.96
CA ASN A 108 3.27 3.14 17.14
C ASN A 108 3.23 2.63 15.69
N THR A 109 2.02 2.30 15.24
CA THR A 109 1.85 1.74 13.89
C THR A 109 1.76 2.79 12.80
N ILE A 110 2.53 2.57 11.72
CA ILE A 110 2.54 3.49 10.60
C ILE A 110 1.90 2.86 9.35
N GLY A 111 1.61 1.55 9.37
CA GLY A 111 1.00 0.89 8.24
C GLY A 111 0.57 -0.52 8.58
N TRP A 112 -0.43 -1.03 7.86
CA TRP A 112 -0.90 -2.39 8.10
C TRP A 112 -1.66 -2.90 6.88
N ALA A 113 -1.54 -4.19 6.58
CA ALA A 113 -2.27 -4.80 5.47
C ALA A 113 -2.40 -6.30 5.70
N TYR A 114 -3.37 -6.89 5.03
CA TYR A 114 -3.56 -8.33 5.06
C TYR A 114 -2.45 -8.98 4.21
N VAL A 115 -1.93 -10.10 4.66
CA VAL A 115 -0.89 -10.80 3.92
C VAL A 115 -1.45 -11.72 2.85
N GLY A 116 -0.95 -11.54 1.62
CA GLY A 116 -1.27 -12.41 0.50
C GLY A 116 -2.65 -12.38 -0.08
N ARG A 117 -3.38 -11.29 0.15
CA ARG A 117 -4.74 -11.19 -0.32
C ARG A 117 -4.98 -10.26 -1.50
N MET A 118 -3.93 -9.97 -2.27
CA MET A 118 -4.05 -9.15 -3.46
C MET A 118 -5.18 -9.68 -4.32
N CYS A 119 -5.98 -8.74 -4.82
CA CYS A 119 -7.16 -8.94 -5.66
C CYS A 119 -8.43 -9.26 -4.90
N ASP A 120 -8.32 -9.70 -3.65
CA ASP A 120 -9.55 -10.01 -2.93
C ASP A 120 -10.41 -8.75 -2.79
N GLU A 121 -11.71 -8.90 -3.01
CA GLU A 121 -12.60 -7.76 -2.94
C GLU A 121 -12.59 -7.02 -1.63
N LYS A 122 -12.40 -7.73 -0.53
CA LYS A 122 -12.40 -7.06 0.76
C LYS A 122 -11.00 -6.95 1.34
N TYR A 123 -10.14 -7.92 1.07
CA TYR A 123 -8.83 -7.94 1.71
C TYR A 123 -7.63 -7.42 0.95
N SER A 124 -7.87 -6.93 -0.26
CA SER A 124 -6.78 -6.35 -1.04
C SER A 124 -6.71 -4.86 -0.66
N VAL A 125 -6.34 -4.62 0.61
CA VAL A 125 -6.24 -3.26 1.13
C VAL A 125 -5.14 -3.12 2.15
N ALA A 126 -4.78 -1.86 2.35
CA ALA A 126 -3.80 -1.48 3.36
C ALA A 126 -4.26 -0.15 3.94
N VAL A 127 -3.79 0.12 5.16
CA VAL A 127 -3.99 1.42 5.79
C VAL A 127 -2.60 1.97 6.12
N VAL A 128 -2.39 3.24 5.77
CA VAL A 128 -1.07 3.86 5.96
C VAL A 128 -1.14 5.22 6.57
N LYS A 129 -0.31 5.44 7.58
CA LYS A 129 -0.25 6.74 8.25
C LYS A 129 0.67 7.67 7.45
N ASP A 130 0.23 8.91 7.21
CA ASP A 130 1.07 9.92 6.51
C ASP A 130 2.01 10.42 7.62
N HIS A 131 2.99 9.57 7.92
CA HIS A 131 3.85 9.74 9.09
C HIS A 131 5.15 10.46 8.93
N SER A 132 5.34 11.09 7.78
CA SER A 132 6.57 11.85 7.53
C SER A 132 6.27 12.94 6.54
N SER A 133 7.02 14.04 6.62
CA SER A 133 6.81 15.09 5.63
C SER A 133 7.50 14.60 4.35
N LYS A 134 8.41 13.63 4.49
CA LYS A 134 9.13 13.08 3.33
C LYS A 134 8.26 12.11 2.56
N VAL A 135 7.91 12.49 1.34
CA VAL A 135 7.08 11.64 0.49
C VAL A 135 7.62 10.21 0.42
N PHE A 136 8.91 10.07 0.21
CA PHE A 136 9.45 8.72 0.10
C PHE A 136 9.20 7.83 1.32
N MET A 137 9.28 8.40 2.52
CA MET A 137 9.07 7.59 3.72
C MET A 137 7.66 7.07 3.81
N VAL A 138 6.68 7.85 3.34
CA VAL A 138 5.31 7.37 3.34
C VAL A 138 5.11 6.38 2.18
N ALA A 139 5.64 6.70 0.98
CA ALA A 139 5.54 5.81 -0.16
C ALA A 139 6.17 4.44 0.08
N VAL A 140 7.31 4.37 0.79
CA VAL A 140 7.92 3.06 1.05
C VAL A 140 7.08 2.27 2.05
N THR A 141 6.34 2.97 2.91
CA THR A 141 5.42 2.31 3.85
C THR A 141 4.24 1.75 3.02
N MET A 142 3.72 2.54 2.08
CA MET A 142 2.69 2.03 1.20
C MET A 142 3.17 0.78 0.42
N THR A 143 4.42 0.81 -0.02
CA THR A 143 5.03 -0.30 -0.79
C THR A 143 5.24 -1.53 0.10
N HIS A 144 5.67 -1.31 1.34
CA HIS A 144 5.84 -2.39 2.29
C HIS A 144 4.49 -3.10 2.51
N GLU A 145 3.41 -2.32 2.67
CA GLU A 145 2.13 -2.95 2.88
C GLU A 145 1.66 -3.67 1.61
N LEU A 146 1.93 -3.09 0.43
CA LEU A 146 1.59 -3.72 -0.83
C LEU A 146 2.33 -5.08 -0.89
N GLY A 147 3.59 -5.06 -0.43
CA GLY A 147 4.42 -6.26 -0.40
C GLY A 147 3.77 -7.34 0.44
N HIS A 148 3.33 -6.98 1.64
CA HIS A 148 2.61 -7.97 2.42
C HIS A 148 1.40 -8.51 1.66
N ASN A 149 0.67 -7.63 0.97
CA ASN A 149 -0.53 -8.09 0.26
C ASN A 149 -0.19 -9.01 -0.91
N LEU A 150 1.07 -8.92 -1.39
CA LEU A 150 1.60 -9.78 -2.45
C LEU A 150 2.30 -11.02 -1.86
N GLY A 151 2.01 -11.30 -0.58
CA GLY A 151 2.54 -12.50 0.06
C GLY A 151 3.90 -12.44 0.66
N MET A 152 4.46 -11.24 0.86
CA MET A 152 5.77 -11.13 1.45
C MET A 152 5.68 -10.99 2.97
N GLU A 153 6.60 -11.64 3.68
CA GLU A 153 6.72 -11.47 5.12
C GLU A 153 7.97 -10.60 5.28
N HIS A 154 8.31 -10.25 6.51
CA HIS A 154 9.52 -9.47 6.71
C HIS A 154 10.80 -10.22 6.34
N ASP A 155 11.79 -9.44 5.96
CA ASP A 155 13.12 -9.97 5.67
C ASP A 155 13.67 -10.65 6.91
N ASP A 156 14.40 -11.74 6.68
CA ASP A 156 15.01 -12.52 7.76
C ASP A 156 16.49 -12.68 7.37
N LYS A 157 17.40 -12.38 8.30
CA LYS A 157 18.83 -12.42 8.00
C LYS A 157 19.34 -13.80 7.59
N ASP A 158 18.74 -14.88 8.08
CA ASP A 158 19.19 -16.20 7.63
C ASP A 158 18.80 -16.43 6.20
N LYS A 159 17.72 -15.82 5.73
CA LYS A 159 17.27 -16.03 4.33
C LYS A 159 17.85 -15.05 3.31
N CYS A 160 18.17 -13.86 3.75
CA CYS A 160 18.73 -12.84 2.83
C CYS A 160 19.43 -11.78 3.68
N LYS A 161 20.41 -11.13 3.09
CA LYS A 161 21.21 -10.20 3.88
C LYS A 161 20.87 -8.73 3.89
N CYS A 162 19.95 -8.29 3.04
CA CYS A 162 19.66 -6.86 3.02
C CYS A 162 19.18 -6.37 4.37
N ASP A 163 19.78 -5.26 4.87
CA ASP A 163 19.41 -4.67 6.16
C ASP A 163 18.36 -3.57 6.09
N THR A 164 18.23 -2.93 4.94
CA THR A 164 17.35 -1.78 4.83
C THR A 164 16.36 -1.83 3.69
N CYS A 165 16.09 -3.05 3.21
CA CYS A 165 15.18 -3.21 2.10
C CYS A 165 13.72 -2.95 2.48
N ILE A 166 12.84 -2.86 1.49
CA ILE A 166 11.43 -2.50 1.72
C ILE A 166 10.74 -3.32 2.77
N MET A 167 10.97 -4.63 2.76
CA MET A 167 10.34 -5.49 3.77
C MET A 167 11.13 -5.70 5.06
N SER A 168 12.05 -4.80 5.35
CA SER A 168 12.73 -4.88 6.63
C SER A 168 11.63 -4.86 7.74
N ALA A 169 11.92 -5.52 8.86
CA ALA A 169 10.92 -5.57 9.93
C ALA A 169 10.54 -4.20 10.52
N VAL A 170 11.48 -3.25 10.43
CA VAL A 170 11.28 -1.90 10.92
C VAL A 170 11.86 -0.93 9.90
N ILE A 171 11.14 0.16 9.68
CA ILE A 171 11.60 1.21 8.74
C ILE A 171 12.79 1.93 9.40
N SER A 172 13.62 2.58 8.58
CA SER A 172 14.74 3.35 9.14
C SER A 172 14.99 4.58 8.32
N ASP A 173 15.78 5.49 8.88
CA ASP A 173 16.13 6.72 8.23
C ASP A 173 16.90 6.42 6.93
N LYS A 174 17.63 5.30 6.90
CA LYS A 174 18.43 4.92 5.73
C LYS A 174 17.69 3.95 4.82
N GLN A 175 16.37 3.94 4.94
CA GLN A 175 15.53 3.05 4.17
C GLN A 175 15.86 3.04 2.65
N SER A 176 16.04 1.82 2.13
CA SER A 176 16.32 1.56 0.72
C SER A 176 15.04 1.46 -0.06
N LYS A 177 15.12 1.72 -1.36
CA LYS A 177 13.96 1.56 -2.25
C LYS A 177 13.97 0.15 -2.89
N LEU A 178 14.85 -0.74 -2.43
CA LEU A 178 14.95 -2.08 -3.03
C LEU A 178 14.25 -3.17 -2.25
N PHE A 179 13.71 -4.14 -3.00
CA PHE A 179 13.17 -5.37 -2.40
C PHE A 179 14.35 -6.34 -2.27
N SER A 180 14.41 -6.98 -1.11
CA SER A 180 15.43 -7.97 -0.84
C SER A 180 15.19 -9.28 -1.62
N ASP A 181 16.16 -10.20 -1.54
CA ASP A 181 15.96 -11.51 -2.18
C ASP A 181 14.89 -12.29 -1.41
N CYS A 182 14.73 -12.02 -0.10
CA CYS A 182 13.65 -12.69 0.63
C CYS A 182 12.33 -12.29 -0.02
N SER A 183 12.19 -10.99 -0.28
CA SER A 183 10.96 -10.48 -0.87
C SER A 183 10.68 -11.02 -2.27
N LYS A 184 11.72 -11.05 -3.10
CA LYS A 184 11.57 -11.57 -4.44
C LYS A 184 11.20 -13.05 -4.41
N ASP A 185 11.82 -13.79 -3.48
CA ASP A 185 11.46 -15.21 -3.38
C ASP A 185 9.99 -15.35 -2.92
N TYR A 186 9.54 -14.56 -1.94
CA TYR A 186 8.12 -14.63 -1.53
C TYR A 186 7.19 -14.30 -2.70
N TYR A 187 7.57 -13.31 -3.51
CA TYR A 187 6.73 -12.95 -4.65
C TYR A 187 6.68 -14.10 -5.66
N GLN A 188 7.81 -14.79 -5.85
CA GLN A 188 7.80 -15.92 -6.78
C GLN A 188 6.85 -16.99 -6.25
N THR A 189 6.89 -17.24 -4.93
CA THR A 189 6.02 -18.24 -4.33
C THR A 189 4.55 -17.84 -4.53
N PHE A 190 4.26 -16.55 -4.38
CA PHE A 190 2.91 -16.03 -4.53
C PHE A 190 2.42 -16.21 -5.98
N LEU A 191 3.25 -15.86 -6.96
CA LEU A 191 2.84 -16.04 -8.36
C LEU A 191 2.65 -17.52 -8.70
N THR A 192 3.47 -18.39 -8.12
CA THR A 192 3.37 -19.83 -8.40
C THR A 192 2.16 -20.49 -7.72
N ASN A 193 1.91 -20.13 -6.47
CA ASN A 193 0.83 -20.75 -5.73
C ASN A 193 -0.52 -20.07 -5.75
N ASP A 194 -0.53 -18.75 -5.79
CA ASP A 194 -1.78 -18.01 -5.78
C ASP A 194 -2.16 -17.50 -7.16
N ASN A 195 -1.23 -16.81 -7.80
CA ASN A 195 -1.40 -16.25 -9.14
C ASN A 195 -2.77 -15.63 -9.38
N PRO A 196 -3.12 -14.63 -8.57
CA PRO A 196 -4.41 -13.96 -8.71
C PRO A 196 -4.60 -13.32 -10.09
N GLN A 197 -5.78 -13.53 -10.67
CA GLN A 197 -6.06 -13.04 -12.00
C GLN A 197 -6.12 -11.54 -12.20
N CYS A 198 -6.50 -10.78 -11.19
CA CYS A 198 -6.63 -9.35 -11.45
C CYS A 198 -5.35 -8.62 -11.83
N ILE A 199 -4.20 -9.11 -11.40
CA ILE A 199 -2.96 -8.42 -11.72
C ILE A 199 -2.36 -8.92 -13.05
N LEU A 200 -3.09 -9.80 -13.72
CA LEU A 200 -2.64 -10.26 -15.02
C LEU A 200 -3.22 -9.32 -16.07
N ASN A 201 -4.30 -8.64 -15.71
CA ASN A 201 -5.01 -7.74 -16.62
C ASN A 201 -4.42 -6.33 -16.73
N ALA A 202 -3.92 -5.97 -17.90
CA ALA A 202 -3.39 -4.62 -18.06
C ALA A 202 -4.58 -3.66 -18.14
N PRO A 203 -4.39 -2.39 -17.77
CA PRO A 203 -5.53 -1.46 -17.84
C PRO A 203 -6.09 -1.35 -19.29
N GLN B 2 5.88 0.37 13.86
CA GLN B 2 5.40 -0.91 13.39
C GLN B 2 4.73 -0.77 12.03
N TRP B 3 5.06 -1.66 11.11
CA TRP B 3 4.50 -1.63 9.77
C TRP B 3 4.50 -3.02 9.18
#